data_3DYE
#
_entry.id   3DYE
#
_cell.length_a   50.879
_cell.length_b   65.993
_cell.length_c   52.764
_cell.angle_alpha   90.000
_cell.angle_beta   113.480
_cell.angle_gamma   90.000
#
_symmetry.space_group_name_H-M   'P 1 21 1'
#
loop_
_entity.id
_entity.type
_entity.pdbx_description
1 polymer 'D7 protein'
2 non-polymer 'BROMIDE ION'
3 non-polymer L-NOREPINEPHRINE
4 non-polymer GLYCEROL
5 water water
#
_entity_poly.entity_id   1
_entity_poly.type   'polypeptide(L)'
_entity_poly.pdbx_seq_one_letter_code
;MGPFDPEEMLFIFTRCMEDNLEDGANRLPMLAKWKEWINEPVDSPATQCFGKCVLVRTGLYDPVAQKFDASVIQEQFKAY
PSLGEKSKVEAYANAVKQLPSTNNDCAAVFKAYDPVHKAHKDTSKNLFHGNKELTKGLYEKLGKDIRQKKQSYFEFCENK
YYPAGSDKRQQLCQIRQYTVLDDALFKEHTDCVMKGIRYITKDNQLDVEEVKRDFKLVNKDTKALEEVLNDCKSKEPSNA
KEKSWHYYKCLVESSVKDDFKEAFDYREVRSQIYAFNLPKNQAYSKPAVQSQVMEIDGKQCPQ
;
_entity_poly.pdbx_strand_id   A
#
# COMPACT_ATOMS: atom_id res chain seq x y z
N MET A 1 -4.37 4.26 -12.66
CA MET A 1 -3.49 3.57 -11.67
C MET A 1 -3.87 2.10 -11.44
N GLY A 2 -5.11 1.75 -11.75
CA GLY A 2 -5.55 0.35 -11.85
C GLY A 2 -5.05 -0.29 -13.14
N PRO A 3 -5.28 -1.61 -13.32
CA PRO A 3 -5.93 -2.55 -12.41
C PRO A 3 -5.09 -2.83 -11.17
N PHE A 4 -5.72 -3.41 -10.15
CA PHE A 4 -5.07 -3.69 -8.88
C PHE A 4 -5.05 -5.19 -8.58
N ASP A 5 -3.90 -5.69 -8.15
CA ASP A 5 -3.80 -7.08 -7.72
C ASP A 5 -4.22 -7.20 -6.25
N PRO A 6 -4.32 -8.43 -5.71
CA PRO A 6 -4.78 -8.60 -4.33
C PRO A 6 -3.99 -7.82 -3.27
N GLU A 7 -2.66 -7.77 -3.42
CA GLU A 7 -1.83 -7.03 -2.48
C GLU A 7 -2.11 -5.53 -2.56
N GLU A 8 -2.31 -5.03 -3.78
CA GLU A 8 -2.57 -3.61 -3.99
C GLU A 8 -3.90 -3.21 -3.33
N MET A 9 -4.91 -4.07 -3.48
CA MET A 9 -6.19 -3.80 -2.84
C MET A 9 -6.11 -3.91 -1.32
N LEU A 10 -5.33 -4.89 -0.85
CA LEU A 10 -5.11 -5.07 0.59
C LEU A 10 -4.45 -3.83 1.17
N PHE A 11 -3.45 -3.29 0.47
CA PHE A 11 -2.78 -2.07 0.89
C PHE A 11 -3.79 -0.92 1.01
N ILE A 12 -4.60 -0.75 -0.03
CA ILE A 12 -5.61 0.30 -0.06
C ILE A 12 -6.60 0.19 1.10
N PHE A 13 -7.18 -1.01 1.28
CA PHE A 13 -8.18 -1.22 2.34
C PHE A 13 -7.59 -0.93 3.72
N THR A 14 -6.43 -1.54 4.01
CA THR A 14 -5.80 -1.41 5.34
C THR A 14 -5.31 0.02 5.63
N ARG A 15 -4.74 0.68 4.62
CA ARG A 15 -4.33 2.08 4.78
C ARG A 15 -5.54 2.97 5.05
N CYS A 16 -6.61 2.76 4.28
CA CYS A 16 -7.82 3.56 4.46
C CYS A 16 -8.45 3.33 5.83
N MET A 17 -8.45 2.08 6.29
CA MET A 17 -8.92 1.78 7.64
C MET A 17 -8.01 2.40 8.71
N GLU A 18 -6.70 2.26 8.55
CA GLU A 18 -5.75 2.86 9.50
C GLU A 18 -6.00 4.36 9.65
N ASP A 19 -6.24 5.05 8.55
CA ASP A 19 -6.39 6.50 8.56
C ASP A 19 -7.79 6.99 8.98
N ASN A 20 -8.76 6.07 9.03
CA ASN A 20 -10.15 6.49 9.24
C ASN A 20 -10.90 5.86 10.41
N LEU A 21 -10.39 4.75 10.94
CA LEU A 21 -11.02 4.14 12.12
C LEU A 21 -11.00 5.11 13.29
N GLU A 22 -12.12 5.17 14.00
CA GLU A 22 -12.17 5.89 15.27
C GLU A 22 -11.24 5.20 16.27
N ASP A 23 -10.85 5.95 17.29
CA ASP A 23 -10.16 5.38 18.43
C ASP A 23 -11.19 5.18 19.54
N GLY A 24 -11.01 4.14 20.33
CA GLY A 24 -11.89 3.90 21.47
C GLY A 24 -12.96 2.85 21.21
N ALA A 25 -14.09 3.00 21.89
CA ALA A 25 -15.15 2.00 21.94
C ALA A 25 -15.67 1.49 20.58
N ASN A 26 -15.82 2.39 19.62
CA ASN A 26 -16.39 2.03 18.32
C ASN A 26 -15.42 1.37 17.34
N ARG A 27 -14.12 1.42 17.66
CA ARG A 27 -13.08 0.96 16.72
C ARG A 27 -13.23 -0.50 16.28
N LEU A 28 -13.29 -1.41 17.26
CA LEU A 28 -13.41 -2.84 16.96
C LEU A 28 -14.72 -3.20 16.22
N PRO A 29 -15.89 -2.72 16.71
CA PRO A 29 -17.14 -2.88 15.96
C PRO A 29 -17.08 -2.37 14.50
N MET A 30 -16.53 -1.17 14.31
CA MET A 30 -16.38 -0.57 12.98
C MET A 30 -15.52 -1.44 12.08
N LEU A 31 -14.37 -1.85 12.60
CA LEU A 31 -13.41 -2.68 11.88
C LEU A 31 -14.07 -3.97 11.40
N ALA A 32 -14.78 -4.65 12.30
CA ALA A 32 -15.47 -5.90 11.99
C ALA A 32 -16.44 -5.75 10.81
N LYS A 33 -17.14 -4.63 10.76
CA LYS A 33 -18.08 -4.36 9.67
C LYS A 33 -17.37 -4.03 8.36
N TRP A 34 -16.41 -3.11 8.41
CA TRP A 34 -15.70 -2.66 7.20
C TRP A 34 -14.96 -3.81 6.52
N LYS A 35 -14.36 -4.69 7.33
CA LYS A 35 -13.65 -5.88 6.82
C LYS A 35 -14.56 -6.78 5.99
N GLU A 36 -15.84 -6.80 6.33
CA GLU A 36 -16.82 -7.63 5.66
C GLU A 36 -17.54 -6.89 4.52
N TRP A 37 -17.02 -5.70 4.18
CA TRP A 37 -17.61 -4.83 3.16
C TRP A 37 -19.00 -4.30 3.59
N ILE A 38 -19.20 -4.22 4.91
CA ILE A 38 -20.39 -3.59 5.48
C ILE A 38 -19.97 -2.17 5.83
N ASN A 39 -20.32 -1.23 4.97
CA ASN A 39 -19.96 0.16 5.15
C ASN A 39 -20.97 0.86 6.07
N GLU A 40 -20.83 0.54 7.35
CA GLU A 40 -21.70 1.06 8.40
C GLU A 40 -20.83 1.46 9.59
N PRO A 41 -21.31 2.38 10.44
CA PRO A 41 -22.58 3.12 10.35
C PRO A 41 -22.53 4.18 9.24
N VAL A 42 -23.58 4.23 8.43
CA VAL A 42 -23.63 5.16 7.28
C VAL A 42 -23.61 6.64 7.71
N ASP A 43 -24.05 6.90 8.95
CA ASP A 43 -24.12 8.26 9.49
C ASP A 43 -22.80 8.73 10.13
N SER A 44 -21.84 7.82 10.23
CA SER A 44 -20.54 8.13 10.85
C SER A 44 -19.55 8.75 9.86
N PRO A 45 -19.00 9.94 10.22
CA PRO A 45 -17.93 10.60 9.45
C PRO A 45 -16.75 9.67 9.16
N ALA A 46 -16.41 8.80 10.10
CA ALA A 46 -15.33 7.81 9.94
C ALA A 46 -15.63 6.85 8.79
N THR A 47 -16.85 6.30 8.80
CA THR A 47 -17.29 5.42 7.71
C THR A 47 -17.31 6.18 6.38
N GLN A 48 -17.78 7.43 6.40
CA GLN A 48 -17.87 8.23 5.19
C GLN A 48 -16.50 8.55 4.61
N CYS A 49 -15.56 8.91 5.48
CA CYS A 49 -14.21 9.19 5.01
C CYS A 49 -13.45 7.92 4.63
N PHE A 50 -13.72 6.81 5.32
CA PHE A 50 -13.17 5.51 4.92
C PHE A 50 -13.61 5.18 3.49
N GLY A 51 -14.92 5.26 3.24
CA GLY A 51 -15.50 5.04 1.92
C GLY A 51 -14.86 5.92 0.86
N LYS A 52 -14.81 7.23 1.12
CA LYS A 52 -14.15 8.17 0.20
C LYS A 52 -12.71 7.74 -0.09
N CYS A 53 -11.98 7.39 0.96
CA CYS A 53 -10.57 6.99 0.86
C CYS A 53 -10.38 5.87 -0.17
N VAL A 54 -11.17 4.81 0.00
CA VAL A 54 -11.11 3.65 -0.91
C VAL A 54 -11.44 4.05 -2.35
N LEU A 55 -12.54 4.79 -2.51
CA LEU A 55 -12.97 5.26 -3.83
C LEU A 55 -11.92 6.13 -4.53
N VAL A 56 -11.29 7.01 -3.77
CA VAL A 56 -10.23 7.85 -4.31
C VAL A 56 -8.96 7.06 -4.68
N ARG A 57 -8.49 6.19 -3.78
CA ARG A 57 -7.30 5.38 -4.05
C ARG A 57 -7.48 4.42 -5.24
N THR A 58 -8.70 3.91 -5.43
CA THR A 58 -8.97 3.01 -6.56
C THR A 58 -9.17 3.79 -7.85
N GLY A 59 -9.52 5.07 -7.74
CA GLY A 59 -9.85 5.89 -8.90
C GLY A 59 -11.33 5.89 -9.26
N LEU A 60 -12.14 5.16 -8.50
CA LEU A 60 -13.59 5.12 -8.74
C LEU A 60 -14.24 6.48 -8.54
N TYR A 61 -13.70 7.27 -7.61
CA TYR A 61 -14.06 8.68 -7.52
C TYR A 61 -12.85 9.53 -7.85
N ASP A 62 -13.03 10.44 -8.79
CA ASP A 62 -11.98 11.37 -9.22
C ASP A 62 -12.28 12.74 -8.60
N PRO A 63 -11.51 13.13 -7.56
CA PRO A 63 -11.77 14.41 -6.87
C PRO A 63 -11.39 15.65 -7.67
N VAL A 64 -10.59 15.49 -8.72
CA VAL A 64 -10.26 16.61 -9.62
C VAL A 64 -11.47 16.91 -10.51
N ALA A 65 -11.99 15.85 -11.15
CA ALA A 65 -13.17 15.95 -12.01
C ALA A 65 -14.46 16.13 -11.22
N GLN A 66 -14.41 15.78 -9.94
CA GLN A 66 -15.58 15.73 -9.05
C GLN A 66 -16.66 14.83 -9.65
N LYS A 67 -16.21 13.65 -10.10
CA LYS A 67 -17.05 12.68 -10.77
C LYS A 67 -16.57 11.29 -10.45
N PHE A 68 -17.48 10.32 -10.48
CA PHE A 68 -17.11 8.92 -10.44
C PHE A 68 -16.64 8.46 -11.82
N ASP A 69 -15.81 7.42 -11.83
CA ASP A 69 -15.19 6.94 -13.06
C ASP A 69 -15.34 5.41 -13.16
N ALA A 70 -16.26 4.98 -14.01
CA ALA A 70 -16.54 3.55 -14.17
C ALA A 70 -15.47 2.79 -14.96
N SER A 71 -14.52 3.52 -15.57
CA SER A 71 -13.50 2.84 -16.39
C SER A 71 -12.57 1.97 -15.53
N VAL A 72 -12.47 2.31 -14.25
CA VAL A 72 -11.73 1.54 -13.26
C VAL A 72 -12.31 0.12 -13.15
N ILE A 73 -13.64 0.03 -13.19
CA ILE A 73 -14.34 -1.25 -13.14
C ILE A 73 -14.03 -2.11 -14.36
N GLN A 74 -14.12 -1.52 -15.55
CA GLN A 74 -13.85 -2.27 -16.76
C GLN A 74 -12.38 -2.69 -16.85
N GLU A 75 -11.47 -1.81 -16.41
CA GLU A 75 -10.04 -2.16 -16.37
C GLU A 75 -9.78 -3.34 -15.43
N GLN A 76 -10.42 -3.31 -14.26
CA GLN A 76 -10.31 -4.41 -13.30
C GLN A 76 -10.82 -5.74 -13.86
N PHE A 77 -11.94 -5.69 -14.58
CA PHE A 77 -12.54 -6.89 -15.14
C PHE A 77 -11.68 -7.45 -16.27
N LYS A 78 -11.11 -6.55 -17.07
CA LYS A 78 -10.18 -6.91 -18.14
C LYS A 78 -8.99 -7.69 -17.58
N ALA A 79 -8.45 -7.22 -16.46
CA ALA A 79 -7.29 -7.87 -15.84
C ALA A 79 -7.66 -9.20 -15.16
N TYR A 80 -8.89 -9.29 -14.67
CA TYR A 80 -9.34 -10.45 -13.88
C TYR A 80 -10.68 -11.01 -14.35
N PRO A 81 -10.69 -11.67 -15.54
CA PRO A 81 -11.95 -12.16 -16.09
C PRO A 81 -12.67 -13.19 -15.21
N SER A 82 -11.91 -13.92 -14.39
CA SER A 82 -12.50 -14.95 -13.52
C SER A 82 -13.29 -14.36 -12.36
N LEU A 83 -13.09 -13.08 -12.09
CA LEU A 83 -13.65 -12.45 -10.90
C LEU A 83 -14.98 -11.73 -11.18
N GLY A 84 -15.53 -11.92 -12.37
CA GLY A 84 -16.82 -11.33 -12.71
C GLY A 84 -17.58 -12.02 -13.82
N GLU A 85 -18.89 -11.81 -13.81
CA GLU A 85 -19.76 -12.17 -14.93
C GLU A 85 -20.03 -10.90 -15.71
N LYS A 86 -19.82 -10.94 -17.03
CA LYS A 86 -19.92 -9.72 -17.84
C LYS A 86 -21.18 -8.88 -17.56
N SER A 87 -22.34 -9.50 -17.59
CA SER A 87 -23.60 -8.77 -17.42
C SER A 87 -23.65 -8.01 -16.09
N LYS A 88 -23.14 -8.64 -15.04
CA LYS A 88 -23.13 -8.08 -13.70
C LYS A 88 -22.09 -6.97 -13.56
N VAL A 89 -20.91 -7.18 -14.15
CA VAL A 89 -19.88 -6.14 -14.17
C VAL A 89 -20.41 -4.92 -14.94
N GLU A 90 -21.05 -5.18 -16.09
CA GLU A 90 -21.67 -4.13 -16.87
C GLU A 90 -22.74 -3.36 -16.08
N ALA A 91 -23.58 -4.08 -15.32
CA ALA A 91 -24.62 -3.45 -14.49
C ALA A 91 -24.01 -2.53 -13.43
N TYR A 92 -22.93 -3.00 -12.83
CA TYR A 92 -22.18 -2.25 -11.82
C TYR A 92 -21.53 -1.01 -12.43
N ALA A 93 -20.83 -1.19 -13.55
CA ALA A 93 -20.21 -0.06 -14.26
C ALA A 93 -21.26 0.97 -14.70
N ASN A 94 -22.41 0.49 -15.17
CA ASN A 94 -23.53 1.34 -15.56
C ASN A 94 -24.09 2.19 -14.42
N ALA A 95 -24.21 1.59 -13.24
CA ALA A 95 -24.66 2.31 -12.04
C ALA A 95 -23.69 3.42 -11.67
N VAL A 96 -22.39 3.14 -11.77
CA VAL A 96 -21.38 4.15 -11.50
C VAL A 96 -21.38 5.27 -12.56
N LYS A 97 -21.55 4.88 -13.83
CA LYS A 97 -21.60 5.84 -14.94
C LYS A 97 -22.72 6.85 -14.81
N GLN A 98 -23.80 6.43 -14.16
CA GLN A 98 -25.02 7.21 -14.10
C GLN A 98 -25.15 8.01 -12.80
N LEU A 99 -24.16 7.86 -11.91
CA LEU A 99 -24.04 8.71 -10.73
C LEU A 99 -23.78 10.15 -11.19
N PRO A 100 -24.37 11.13 -10.49
CA PRO A 100 -24.19 12.52 -10.93
C PRO A 100 -22.84 13.05 -10.46
N SER A 101 -22.45 14.22 -10.96
CA SER A 101 -21.25 14.88 -10.46
C SER A 101 -21.45 15.14 -8.98
N THR A 102 -20.41 14.87 -8.20
CA THR A 102 -20.49 14.88 -6.75
C THR A 102 -19.35 15.69 -6.16
N ASN A 103 -19.67 16.51 -5.15
CA ASN A 103 -18.66 17.30 -4.45
C ASN A 103 -17.64 16.43 -3.74
N ASN A 104 -16.40 16.92 -3.65
CA ASN A 104 -15.34 16.19 -2.98
C ASN A 104 -15.26 16.45 -1.47
N ASP A 105 -16.28 15.99 -0.78
CA ASP A 105 -16.25 15.86 0.68
C ASP A 105 -16.71 14.43 1.00
N CYS A 106 -16.24 13.91 2.14
CA CYS A 106 -16.53 12.54 2.54
C CYS A 106 -18.01 12.21 2.49
N ALA A 107 -18.83 13.04 3.14
CA ALA A 107 -20.27 12.81 3.22
C ALA A 107 -20.92 12.68 1.84
N ALA A 108 -20.60 13.62 0.94
CA ALA A 108 -21.20 13.66 -0.41
C ALA A 108 -20.82 12.44 -1.24
N VAL A 109 -19.53 12.10 -1.24
CA VAL A 109 -19.04 10.95 -2.01
C VAL A 109 -19.64 9.65 -1.47
N PHE A 110 -19.60 9.47 -0.15
CA PHE A 110 -20.14 8.27 0.46
C PHE A 110 -21.62 8.09 0.16
N LYS A 111 -22.39 9.16 0.32
CA LYS A 111 -23.84 9.11 0.09
C LYS A 111 -24.16 8.75 -1.36
N ALA A 112 -23.42 9.32 -2.30
CA ALA A 112 -23.64 9.05 -3.73
C ALA A 112 -23.37 7.58 -4.07
N TYR A 113 -22.29 7.04 -3.51
CA TYR A 113 -21.86 5.68 -3.83
C TYR A 113 -22.57 4.58 -3.07
N ASP A 114 -23.08 4.89 -1.87
CA ASP A 114 -23.67 3.87 -1.01
C ASP A 114 -24.75 3.02 -1.69
N PRO A 115 -25.70 3.65 -2.44
CA PRO A 115 -26.67 2.81 -3.15
C PRO A 115 -26.03 1.85 -4.16
N VAL A 116 -24.97 2.29 -4.82
CA VAL A 116 -24.25 1.41 -5.77
C VAL A 116 -23.57 0.26 -5.03
N HIS A 117 -22.92 0.58 -3.91
CA HIS A 117 -22.27 -0.42 -3.07
C HIS A 117 -23.26 -1.53 -2.66
N LYS A 118 -24.42 -1.13 -2.19
CA LYS A 118 -25.45 -2.09 -1.74
C LYS A 118 -26.05 -2.88 -2.90
N ALA A 119 -26.27 -2.22 -4.04
CA ALA A 119 -26.90 -2.86 -5.20
C ALA A 119 -25.95 -3.78 -5.96
N HIS A 120 -24.65 -3.58 -5.74
CA HIS A 120 -23.62 -4.31 -6.49
C HIS A 120 -22.50 -4.81 -5.59
N LYS A 121 -22.85 -5.14 -4.35
CA LYS A 121 -21.87 -5.51 -3.32
C LYS A 121 -21.02 -6.68 -3.74
N ASP A 122 -21.67 -7.79 -4.09
CA ASP A 122 -20.96 -9.00 -4.49
C ASP A 122 -20.10 -8.82 -5.73
N THR A 123 -20.64 -8.12 -6.71
CA THR A 123 -19.93 -7.84 -7.96
C THR A 123 -18.63 -7.07 -7.67
N SER A 124 -18.74 -6.02 -6.86
CA SER A 124 -17.58 -5.17 -6.54
C SER A 124 -16.58 -5.91 -5.66
N LYS A 125 -17.10 -6.64 -4.67
CA LYS A 125 -16.29 -7.44 -3.75
C LYS A 125 -15.45 -8.47 -4.49
N ASN A 126 -16.08 -9.21 -5.40
CA ASN A 126 -15.37 -10.20 -6.22
C ASN A 126 -14.29 -9.58 -7.10
N LEU A 127 -14.66 -8.51 -7.80
CA LEU A 127 -13.74 -7.82 -8.72
C LEU A 127 -12.51 -7.21 -8.05
N PHE A 128 -12.71 -6.65 -6.87
CA PHE A 128 -11.65 -5.89 -6.20
C PHE A 128 -10.98 -6.65 -5.06
N HIS A 129 -10.98 -7.97 -5.19
CA HIS A 129 -10.21 -8.86 -4.33
C HIS A 129 -10.68 -8.84 -2.87
N GLY A 130 -12.00 -8.75 -2.70
CA GLY A 130 -12.61 -8.81 -1.36
C GLY A 130 -13.23 -10.15 -1.04
N ASN A 131 -13.31 -11.02 -2.04
CA ASN A 131 -13.83 -12.38 -1.85
C ASN A 131 -12.68 -13.27 -1.35
N LYS A 132 -12.79 -13.70 -0.09
CA LYS A 132 -11.71 -14.44 0.58
C LYS A 132 -11.32 -15.73 -0.16
N GLU A 133 -12.33 -16.47 -0.62
CA GLU A 133 -12.12 -17.72 -1.33
C GLU A 133 -11.42 -17.49 -2.68
N LEU A 134 -11.93 -16.56 -3.47
CA LEU A 134 -11.34 -16.24 -4.77
C LEU A 134 -9.93 -15.65 -4.63
N THR A 135 -9.74 -14.79 -3.63
CA THR A 135 -8.44 -14.17 -3.41
C THR A 135 -7.39 -15.18 -2.94
N LYS A 136 -7.79 -16.10 -2.05
CA LYS A 136 -6.91 -17.19 -1.61
C LYS A 136 -6.39 -17.97 -2.82
N GLY A 137 -7.29 -18.27 -3.76
CA GLY A 137 -6.94 -18.96 -5.01
C GLY A 137 -5.95 -18.20 -5.86
N LEU A 138 -6.11 -16.88 -5.95
CA LEU A 138 -5.18 -16.06 -6.73
C LEU A 138 -3.81 -16.00 -6.09
N TYR A 139 -3.78 -15.87 -4.77
CA TYR A 139 -2.52 -15.87 -4.01
C TYR A 139 -1.77 -17.19 -4.19
N GLU A 140 -2.51 -18.29 -4.21
CA GLU A 140 -1.94 -19.62 -4.38
C GLU A 140 -1.35 -19.80 -5.79
N LYS A 141 -2.07 -19.32 -6.80
CA LYS A 141 -1.59 -19.32 -8.18
C LYS A 141 -0.32 -18.49 -8.32
N LEU A 142 -0.34 -17.28 -7.74
CA LEU A 142 0.77 -16.35 -7.85
C LEU A 142 2.00 -16.77 -7.03
N GLY A 143 1.76 -17.31 -5.83
CA GLY A 143 2.84 -17.81 -4.98
C GLY A 143 3.92 -16.77 -4.73
N LYS A 144 5.17 -17.14 -5.03
CA LYS A 144 6.34 -16.28 -4.78
C LYS A 144 6.36 -15.00 -5.60
N ASP A 145 5.47 -14.89 -6.59
CA ASP A 145 5.51 -13.77 -7.52
C ASP A 145 4.73 -12.53 -7.05
N ILE A 146 4.04 -12.67 -5.92
CA ILE A 146 3.36 -11.56 -5.29
C ILE A 146 3.65 -11.61 -3.79
N ARG A 147 3.75 -10.44 -3.16
CA ARG A 147 3.82 -10.38 -1.70
C ARG A 147 2.57 -11.07 -1.12
N GLN A 148 2.80 -12.01 -0.21
CA GLN A 148 1.73 -12.80 0.39
C GLN A 148 1.31 -12.18 1.73
N LYS A 149 0.08 -12.44 2.14
CA LYS A 149 -0.36 -12.01 3.46
C LYS A 149 0.60 -12.57 4.51
N LYS A 150 0.93 -11.74 5.50
CA LYS A 150 1.83 -12.13 6.61
C LYS A 150 3.31 -12.23 6.21
N GLN A 151 3.64 -11.76 5.01
CA GLN A 151 5.02 -11.75 4.55
C GLN A 151 5.53 -10.32 4.48
N SER A 152 6.67 -10.07 5.11
CA SER A 152 7.36 -8.78 4.99
C SER A 152 7.56 -8.43 3.51
N TYR A 153 7.25 -7.19 3.12
CA TYR A 153 7.52 -6.82 1.73
C TYR A 153 9.02 -6.86 1.40
N PHE A 154 9.85 -6.56 2.39
CA PHE A 154 11.30 -6.62 2.23
C PHE A 154 11.72 -8.06 1.91
N GLU A 155 11.17 -9.01 2.66
CA GLU A 155 11.43 -10.43 2.43
C GLU A 155 11.03 -10.85 1.02
N PHE A 156 9.86 -10.38 0.60
CA PHE A 156 9.35 -10.67 -0.73
C PHE A 156 10.38 -10.27 -1.80
N CYS A 157 10.88 -9.04 -1.72
CA CYS A 157 11.85 -8.55 -2.71
C CYS A 157 13.19 -9.29 -2.60
N GLU A 158 13.66 -9.46 -1.37
CA GLU A 158 14.92 -10.15 -1.10
C GLU A 158 14.92 -11.57 -1.69
N ASN A 159 13.82 -12.28 -1.52
CA ASN A 159 13.72 -13.66 -2.06
C ASN A 159 13.66 -13.70 -3.57
N LYS A 160 13.06 -12.67 -4.16
CA LYS A 160 12.93 -12.55 -5.59
C LYS A 160 14.30 -12.31 -6.26
N TYR A 161 15.12 -11.46 -5.64
CA TYR A 161 16.37 -11.01 -6.28
C TYR A 161 17.63 -11.64 -5.74
N TYR A 162 17.57 -12.10 -4.49
CA TYR A 162 18.68 -12.80 -3.86
C TYR A 162 18.14 -14.11 -3.25
N PRO A 163 17.78 -15.07 -4.12
CA PRO A 163 17.03 -16.26 -3.68
C PRO A 163 17.84 -17.16 -2.75
N ALA A 164 17.14 -17.75 -1.78
CA ALA A 164 17.74 -18.74 -0.90
C ALA A 164 18.28 -19.91 -1.73
N GLY A 165 19.44 -20.42 -1.32
CA GLY A 165 20.10 -21.53 -2.02
C GLY A 165 20.99 -21.09 -3.17
N SER A 166 20.92 -19.80 -3.53
CA SER A 166 21.71 -19.27 -4.64
C SER A 166 23.00 -18.63 -4.15
N ASP A 167 23.92 -18.38 -5.08
CA ASP A 167 25.19 -17.72 -4.76
C ASP A 167 25.00 -16.22 -4.47
N LYS A 168 23.79 -15.74 -4.70
CA LYS A 168 23.43 -14.33 -4.47
C LYS A 168 22.99 -14.08 -3.02
N ARG A 169 22.53 -15.13 -2.35
CA ARG A 169 21.94 -14.99 -1.01
C ARG A 169 22.83 -14.23 -0.02
N GLN A 170 24.14 -14.51 -0.09
CA GLN A 170 25.15 -13.93 0.82
C GLN A 170 25.20 -12.41 0.82
N GLN A 171 24.74 -11.79 -0.27
CA GLN A 171 24.76 -10.33 -0.41
C GLN A 171 23.80 -9.65 0.56
N LEU A 172 22.79 -10.39 1.02
CA LEU A 172 21.82 -9.84 1.97
C LEU A 172 22.44 -9.41 3.29
N CYS A 173 23.56 -10.03 3.66
CA CYS A 173 24.31 -9.64 4.86
C CYS A 173 24.67 -8.15 4.84
N GLN A 174 25.22 -7.69 3.72
CA GLN A 174 25.56 -6.28 3.54
C GLN A 174 24.33 -5.43 3.26
N ILE A 175 23.47 -5.90 2.37
CA ILE A 175 22.27 -5.16 1.96
C ILE A 175 21.44 -4.77 3.18
N ARG A 176 21.21 -5.73 4.07
CA ARG A 176 20.38 -5.48 5.25
C ARG A 176 21.04 -4.55 6.27
N GLN A 177 22.33 -4.28 6.08
CA GLN A 177 23.05 -3.30 6.91
C GLN A 177 23.22 -1.97 6.18
N TYR A 178 22.29 -1.69 5.28
CA TYR A 178 22.22 -0.43 4.51
C TYR A 178 23.46 -0.12 3.65
N THR A 179 24.14 -1.17 3.20
CA THR A 179 25.19 -1.01 2.20
C THR A 179 24.54 -0.75 0.84
N VAL A 180 24.93 0.34 0.20
CA VAL A 180 24.33 0.70 -1.09
C VAL A 180 25.21 0.11 -2.19
N LEU A 181 24.69 -0.91 -2.88
CA LEU A 181 25.42 -1.52 -3.99
C LEU A 181 25.12 -0.75 -5.27
N ASP A 182 25.87 -1.07 -6.32
CA ASP A 182 25.87 -0.29 -7.56
C ASP A 182 25.33 -1.01 -8.77
N ASP A 183 25.06 -2.31 -8.63
CA ASP A 183 24.82 -3.17 -9.78
C ASP A 183 23.34 -3.16 -10.19
N ALA A 184 23.07 -3.56 -11.43
CA ALA A 184 21.69 -3.64 -11.96
C ALA A 184 20.73 -4.42 -11.05
N LEU A 185 21.20 -5.57 -10.55
CA LEU A 185 20.36 -6.42 -9.69
C LEU A 185 19.92 -5.66 -8.44
N PHE A 186 20.85 -4.98 -7.79
CA PHE A 186 20.51 -4.20 -6.61
C PHE A 186 19.57 -3.05 -6.91
N LYS A 187 19.75 -2.42 -8.07
CA LYS A 187 18.85 -1.33 -8.46
C LYS A 187 17.41 -1.84 -8.66
N GLU A 188 17.30 -3.04 -9.23
CA GLU A 188 16.01 -3.71 -9.43
C GLU A 188 15.38 -4.06 -8.09
N HIS A 189 16.18 -4.62 -7.20
CA HIS A 189 15.73 -4.98 -5.86
C HIS A 189 15.23 -3.73 -5.11
N THR A 190 16.00 -2.65 -5.18
CA THR A 190 15.64 -1.42 -4.48
C THR A 190 14.37 -0.82 -5.07
N ASP A 191 14.19 -0.96 -6.38
CA ASP A 191 12.94 -0.58 -7.03
C ASP A 191 11.75 -1.36 -6.46
N CYS A 192 11.92 -2.66 -6.28
CA CYS A 192 10.91 -3.54 -5.70
C CYS A 192 10.54 -3.07 -4.30
N VAL A 193 11.54 -2.77 -3.48
CA VAL A 193 11.28 -2.38 -2.09
C VAL A 193 10.63 -0.99 -2.04
N MET A 194 11.22 -0.03 -2.75
CA MET A 194 10.75 1.36 -2.67
C MET A 194 9.31 1.50 -3.18
N LYS A 195 8.98 0.76 -4.23
CA LYS A 195 7.61 0.77 -4.75
C LYS A 195 6.67 0.00 -3.82
N GLY A 196 7.20 -1.06 -3.20
CA GLY A 196 6.42 -1.91 -2.31
C GLY A 196 5.93 -1.20 -1.06
N ILE A 197 6.75 -0.28 -0.54
CA ILE A 197 6.35 0.53 0.60
C ILE A 197 5.90 1.94 0.19
N ARG A 198 5.71 2.12 -1.12
CA ARG A 198 5.03 3.29 -1.70
C ARG A 198 5.80 4.61 -1.57
N TYR A 199 7.12 4.54 -1.39
CA TYR A 199 7.97 5.74 -1.41
C TYR A 199 8.10 6.23 -2.84
N ILE A 200 7.98 5.28 -3.77
CA ILE A 200 7.99 5.54 -5.21
C ILE A 200 6.67 4.98 -5.75
N THR A 201 5.96 5.80 -6.53
CA THR A 201 4.65 5.42 -7.03
C THR A 201 4.76 4.40 -8.17
N LYS A 202 3.62 3.77 -8.46
CA LYS A 202 3.50 2.87 -9.60
C LYS A 202 3.97 3.60 -10.84
N ASP A 203 3.71 4.91 -10.84
CA ASP A 203 4.07 5.82 -11.92
C ASP A 203 5.53 6.29 -11.88
N ASN A 204 6.32 5.73 -10.96
CA ASN A 204 7.75 6.01 -10.84
C ASN A 204 8.08 7.43 -10.36
N GLN A 205 7.21 7.98 -9.52
CA GLN A 205 7.42 9.31 -8.95
C GLN A 205 7.68 9.20 -7.45
N LEU A 206 8.51 10.10 -6.92
CA LEU A 206 8.73 10.18 -5.47
C LEU A 206 7.45 10.59 -4.77
N ASP A 207 7.14 9.91 -3.67
CA ASP A 207 6.01 10.32 -2.83
C ASP A 207 6.56 10.75 -1.47
N VAL A 208 6.85 12.05 -1.36
CA VAL A 208 7.46 12.60 -0.15
C VAL A 208 6.57 12.35 1.08
N GLU A 209 5.25 12.41 0.90
CA GLU A 209 4.33 12.23 2.03
C GLU A 209 4.36 10.83 2.63
N GLU A 210 4.65 9.82 1.81
CA GLU A 210 4.78 8.46 2.33
C GLU A 210 6.04 8.32 3.19
N VAL A 211 7.16 8.89 2.72
CA VAL A 211 8.38 8.90 3.53
C VAL A 211 8.16 9.64 4.84
N LYS A 212 7.52 10.81 4.75
CA LYS A 212 7.21 11.60 5.94
C LYS A 212 6.33 10.80 6.92
N ARG A 213 5.37 10.06 6.38
CA ARG A 213 4.47 9.22 7.18
C ARG A 213 5.28 8.29 8.08
N ASP A 214 6.31 7.66 7.51
CA ASP A 214 7.13 6.69 8.26
C ASP A 214 8.06 7.37 9.27
N PHE A 215 8.55 8.55 8.94
CA PHE A 215 9.29 9.36 9.91
C PHE A 215 8.44 9.73 11.12
N LYS A 216 7.21 10.19 10.87
CA LYS A 216 6.30 10.55 11.95
C LYS A 216 5.99 9.34 12.84
N LEU A 217 5.92 8.16 12.22
CA LEU A 217 5.60 6.93 12.95
C LEU A 217 6.73 6.49 13.90
N VAL A 218 7.95 6.95 13.64
CA VAL A 218 9.06 6.77 14.58
C VAL A 218 9.39 8.05 15.33
N ASN A 219 8.40 8.95 15.41
CA ASN A 219 8.48 10.16 16.25
C ASN A 219 9.61 11.13 15.86
N LYS A 220 9.79 11.32 14.55
CA LYS A 220 10.80 12.25 14.06
C LYS A 220 10.15 13.44 13.36
N ASP A 221 10.77 14.61 13.51
CA ASP A 221 10.41 15.78 12.73
C ASP A 221 10.84 15.54 11.28
N THR A 222 10.15 16.19 10.34
CA THR A 222 10.40 15.95 8.91
C THR A 222 10.96 17.13 8.10
N LYS A 223 11.30 18.23 8.78
CA LYS A 223 11.87 19.39 8.09
C LYS A 223 13.16 19.04 7.34
N ALA A 224 14.10 18.40 8.04
CA ALA A 224 15.37 17.97 7.46
C ALA A 224 15.16 16.97 6.32
N LEU A 225 14.27 16.00 6.54
CA LEU A 225 13.89 15.04 5.52
C LEU A 225 13.43 15.72 4.22
N GLU A 226 12.55 16.71 4.34
CA GLU A 226 12.03 17.39 3.15
C GLU A 226 13.14 18.12 2.40
N GLU A 227 14.07 18.73 3.15
CA GLU A 227 15.20 19.46 2.56
C GLU A 227 16.14 18.49 1.84
N VAL A 228 16.39 17.36 2.48
CA VAL A 228 17.19 16.30 1.85
C VAL A 228 16.53 15.82 0.55
N LEU A 229 15.24 15.48 0.62
CA LEU A 229 14.54 14.96 -0.55
C LEU A 229 14.46 15.99 -1.69
N ASN A 230 14.35 17.26 -1.33
CA ASN A 230 14.36 18.33 -2.31
C ASN A 230 15.69 18.37 -3.07
N ASP A 231 16.78 18.23 -2.32
CA ASP A 231 18.11 18.19 -2.92
C ASP A 231 18.27 16.94 -3.79
N CYS A 232 17.82 15.79 -3.29
CA CYS A 232 17.84 14.53 -4.03
C CYS A 232 17.08 14.63 -5.36
N LYS A 233 15.91 15.27 -5.34
CA LYS A 233 15.07 15.39 -6.55
C LYS A 233 15.73 16.21 -7.65
N SER A 234 16.52 17.21 -7.27
CA SER A 234 17.22 18.05 -8.25
C SER A 234 18.37 17.28 -8.93
N LYS A 235 18.62 16.06 -8.46
CA LYS A 235 19.68 15.20 -8.98
C LYS A 235 19.12 13.89 -9.54
N GLU A 236 17.78 13.82 -9.66
CA GLU A 236 17.08 12.65 -10.18
C GLU A 236 17.62 12.26 -11.56
N PRO A 237 17.98 10.96 -11.74
CA PRO A 237 18.52 10.49 -13.02
C PRO A 237 17.42 10.30 -14.07
N SER A 238 17.81 10.36 -15.34
CA SER A 238 16.89 10.24 -16.46
C SER A 238 16.31 8.83 -16.60
N ASN A 239 17.15 7.83 -16.42
CA ASN A 239 16.74 6.43 -16.50
C ASN A 239 15.72 6.10 -15.41
N ALA A 240 14.48 5.84 -15.83
CA ALA A 240 13.38 5.53 -14.92
C ALA A 240 13.68 4.34 -14.02
N LYS A 241 14.42 3.36 -14.56
CA LYS A 241 14.82 2.17 -13.82
C LYS A 241 15.63 2.48 -12.56
N GLU A 242 16.34 3.60 -12.59
CA GLU A 242 17.30 3.97 -11.54
C GLU A 242 16.72 4.86 -10.44
N LYS A 243 15.49 5.34 -10.64
CA LYS A 243 14.92 6.35 -9.77
C LYS A 243 14.80 5.91 -8.31
N SER A 244 14.25 4.71 -8.09
CA SER A 244 14.07 4.18 -6.73
C SER A 244 15.42 4.06 -6.03
N TRP A 245 16.38 3.44 -6.72
CA TRP A 245 17.74 3.32 -6.19
C TRP A 245 18.34 4.69 -5.88
N HIS A 246 18.16 5.65 -6.79
CA HIS A 246 18.64 7.02 -6.57
C HIS A 246 18.21 7.57 -5.20
N TYR A 247 16.91 7.51 -4.91
CA TYR A 247 16.40 8.08 -3.65
C TYR A 247 16.79 7.28 -2.42
N TYR A 248 16.85 5.96 -2.57
CA TYR A 248 17.35 5.11 -1.49
C TYR A 248 18.80 5.48 -1.14
N LYS A 249 19.65 5.51 -2.15
CA LYS A 249 21.07 5.85 -1.98
C LYS A 249 21.22 7.22 -1.32
N CYS A 250 20.48 8.19 -1.85
CA CYS A 250 20.57 9.58 -1.43
C CYS A 250 20.18 9.70 0.05
N LEU A 251 19.08 9.06 0.44
CA LEU A 251 18.63 9.03 1.84
C LEU A 251 19.65 8.37 2.77
N VAL A 252 20.16 7.20 2.38
CA VAL A 252 21.15 6.46 3.17
C VAL A 252 22.45 7.24 3.36
N GLU A 253 22.83 8.05 2.39
CA GLU A 253 24.07 8.82 2.48
C GLU A 253 23.89 10.24 3.04
N SER A 254 22.65 10.55 3.42
CA SER A 254 22.27 11.92 3.78
C SER A 254 22.40 12.23 5.27
N SER A 255 22.18 13.50 5.62
CA SER A 255 22.21 13.96 7.00
C SER A 255 21.03 13.43 7.84
N VAL A 256 20.08 12.76 7.19
CA VAL A 256 18.98 12.12 7.94
C VAL A 256 19.10 10.60 7.92
N LYS A 257 20.30 10.10 7.62
CA LYS A 257 20.48 8.65 7.47
C LYS A 257 20.05 7.81 8.67
N ASP A 258 20.37 8.26 9.89
CA ASP A 258 19.99 7.48 11.08
C ASP A 258 18.48 7.44 11.28
N ASP A 259 17.82 8.59 11.17
CA ASP A 259 16.35 8.63 11.23
C ASP A 259 15.72 7.82 10.10
N PHE A 260 16.31 7.89 8.90
CA PHE A 260 15.81 7.11 7.77
C PHE A 260 15.86 5.61 8.06
N LYS A 261 17.01 5.13 8.54
CA LYS A 261 17.17 3.72 8.88
C LYS A 261 16.17 3.30 9.97
N GLU A 262 15.95 4.16 10.95
CA GLU A 262 14.96 3.88 11.99
C GLU A 262 13.54 3.75 11.42
N ALA A 263 13.17 4.70 10.55
CA ALA A 263 11.84 4.73 9.95
C ALA A 263 11.63 3.53 9.02
N PHE A 264 12.67 3.20 8.27
CA PHE A 264 12.64 2.12 7.26
C PHE A 264 12.55 0.76 7.98
N ASP A 265 13.31 0.61 9.07
CA ASP A 265 13.24 -0.60 9.91
C ASP A 265 11.83 -0.84 10.47
N TYR A 266 11.20 0.22 10.98
CA TYR A 266 9.84 0.10 11.50
C TYR A 266 8.86 -0.23 10.38
N ARG A 267 9.05 0.40 9.21
CA ARG A 267 8.19 0.11 8.06
C ARG A 267 8.28 -1.37 7.68
N GLU A 268 9.51 -1.91 7.69
CA GLU A 268 9.71 -3.34 7.41
C GLU A 268 8.83 -4.21 8.31
N VAL A 269 8.87 -3.92 9.62
CA VAL A 269 8.06 -4.64 10.61
C VAL A 269 6.56 -4.53 10.29
N ARG A 270 6.10 -3.32 9.99
CA ARG A 270 4.68 -3.09 9.72
C ARG A 270 4.24 -3.64 8.36
N SER A 271 5.19 -3.76 7.42
CA SER A 271 4.89 -4.33 6.12
C SER A 271 4.56 -5.82 6.21
N GLN A 272 4.96 -6.45 7.32
CA GLN A 272 4.72 -7.89 7.51
C GLN A 272 3.26 -8.22 7.78
N ILE A 273 2.53 -7.28 8.38
CA ILE A 273 1.09 -7.46 8.63
C ILE A 273 0.42 -6.13 8.30
N TYR A 274 -0.28 -6.09 7.17
CA TYR A 274 -0.86 -4.82 6.70
C TYR A 274 -1.85 -4.21 7.72
N ALA A 275 -2.54 -5.07 8.46
CA ALA A 275 -3.48 -4.65 9.50
C ALA A 275 -2.81 -4.41 10.87
N PHE A 276 -1.49 -4.20 10.85
CA PHE A 276 -0.66 -3.92 12.04
C PHE A 276 -1.35 -3.02 13.08
N ASN A 277 -1.88 -1.89 12.62
CA ASN A 277 -2.45 -0.87 13.51
C ASN A 277 -3.98 -0.88 13.63
N LEU A 278 -4.63 -1.92 13.10
CA LEU A 278 -6.08 -1.88 12.93
C LEU A 278 -6.90 -2.16 14.19
N PRO A 279 -6.65 -3.30 14.87
CA PRO A 279 -7.37 -3.56 16.14
C PRO A 279 -7.16 -2.45 17.15
N LYS A 280 -5.92 -1.98 17.26
CA LYS A 280 -5.58 -0.79 18.04
C LYS A 280 -4.30 -0.22 17.47
N ASN A 281 -4.23 1.11 17.36
CA ASN A 281 -3.01 1.74 16.85
C ASN A 281 -1.89 1.53 17.87
N GLN A 282 -0.81 0.92 17.42
CA GLN A 282 0.27 0.52 18.30
C GLN A 282 1.27 1.64 18.51
N ALA A 283 1.62 1.90 19.76
CA ALA A 283 2.69 2.85 20.07
C ALA A 283 4.03 2.28 19.60
N TYR A 284 4.89 3.16 19.11
CA TYR A 284 6.21 2.76 18.65
C TYR A 284 7.23 2.85 19.78
N SER A 285 8.07 1.82 19.89
CA SER A 285 9.22 1.86 20.78
C SER A 285 10.44 1.31 20.05
N LYS A 286 11.51 2.10 20.03
CA LYS A 286 12.73 1.79 19.28
C LYS A 286 13.35 0.41 19.58
N PRO A 287 13.53 0.06 20.88
CA PRO A 287 14.20 -1.21 21.21
C PRO A 287 13.46 -2.49 20.77
N ALA A 288 12.13 -2.44 20.75
CA ALA A 288 11.31 -3.59 20.34
C ALA A 288 11.46 -3.92 18.87
N VAL A 289 11.57 -2.88 18.04
CA VAL A 289 11.77 -3.02 16.60
C VAL A 289 13.22 -3.43 16.32
N GLN A 290 14.14 -2.84 17.08
CA GLN A 290 15.56 -3.24 17.09
C GLN A 290 15.69 -4.77 17.18
N SER A 291 14.99 -5.36 18.14
CA SER A 291 15.02 -6.80 18.38
C SER A 291 14.51 -7.60 17.18
N GLN A 292 13.34 -7.21 16.68
CA GLN A 292 12.69 -7.90 15.56
C GLN A 292 13.53 -7.88 14.29
N VAL A 293 14.06 -6.71 13.95
CA VAL A 293 14.83 -6.52 12.72
C VAL A 293 16.15 -7.28 12.76
N MET A 294 16.78 -7.33 13.94
CA MET A 294 18.00 -8.12 14.14
C MET A 294 17.74 -9.61 13.98
N GLU A 295 16.56 -10.05 14.40
CA GLU A 295 16.13 -11.45 14.24
C GLU A 295 15.96 -11.78 12.76
N ILE A 296 15.38 -10.85 12.00
CA ILE A 296 15.23 -11.02 10.55
C ILE A 296 16.61 -11.02 9.86
N ASP A 297 17.52 -10.16 10.33
CA ASP A 297 18.90 -10.14 9.84
C ASP A 297 19.55 -11.51 9.95
N GLY A 298 19.40 -12.14 11.12
CA GLY A 298 19.94 -13.48 11.36
C GLY A 298 19.23 -14.60 10.62
N LYS A 299 18.04 -14.29 10.08
CA LYS A 299 17.28 -15.25 9.28
C LYS A 299 17.70 -15.18 7.81
N GLN A 300 17.78 -13.96 7.27
CA GLN A 300 18.22 -13.74 5.89
C GLN A 300 19.73 -13.90 5.70
N CYS A 301 20.49 -13.54 6.73
CA CYS A 301 21.95 -13.74 6.77
C CYS A 301 22.29 -14.62 7.98
N PRO A 302 22.14 -15.96 7.85
CA PRO A 302 22.43 -16.87 8.95
C PRO A 302 23.93 -17.01 9.22
#